data_1M0G
#
_entry.id   1M0G
#
loop_
_entity.id
_entity.type
_entity.pdbx_description
1 polymer 'metallothionein MT_nc'
2 non-polymer 'CADMIUM ION'
#
_entity_poly.entity_id   1
_entity_poly.type   'polypeptide(L)'
_entity_poly.pdbx_seq_one_letter_code
;SCCPCCPSGCTKCASGCVCKGKTCDTSCCQ
;
_entity_poly.pdbx_strand_id   A
#
loop_
_chem_comp.id
_chem_comp.type
_chem_comp.name
_chem_comp.formula
CD non-polymer 'CADMIUM ION' 'Cd 2'
#
# COMPACT_ATOMS: atom_id res chain seq x y z
N SER A 1 6.71 -9.27 3.59
CA SER A 1 5.40 -8.75 3.20
C SER A 1 5.13 -7.41 3.88
N CYS A 2 4.05 -6.78 3.46
CA CYS A 2 3.67 -5.49 4.02
C CYS A 2 2.22 -5.59 4.51
N CYS A 3 1.30 -5.59 3.55
CA CYS A 3 -0.12 -5.68 3.83
C CYS A 3 -0.79 -6.61 2.84
N PRO A 4 -1.79 -7.41 3.32
CA PRO A 4 -2.49 -8.33 2.44
C PRO A 4 -3.46 -7.59 1.53
N CYS A 5 -3.29 -6.28 1.45
CA CYS A 5 -4.13 -5.45 0.63
C CYS A 5 -3.29 -4.89 -0.52
N CYS A 6 -2.08 -5.40 -0.62
CA CYS A 6 -1.16 -4.97 -1.66
C CYS A 6 -0.29 -6.15 -2.06
N PRO A 7 0.32 -6.03 -3.27
CA PRO A 7 1.18 -7.09 -3.79
C PRO A 7 2.53 -7.10 -3.08
N SER A 8 3.25 -8.19 -3.25
CA SER A 8 4.55 -8.34 -2.63
C SER A 8 5.55 -7.37 -3.27
N GLY A 9 5.24 -6.08 -3.15
CA GLY A 9 6.09 -5.05 -3.70
C GLY A 9 5.49 -3.66 -3.48
N CYS A 10 4.66 -3.25 -4.42
CA CYS A 10 4.02 -1.95 -4.33
C CYS A 10 5.08 -0.91 -3.96
N THR A 11 5.56 -0.22 -4.97
CA THR A 11 6.58 0.81 -4.76
C THR A 11 6.08 1.84 -3.75
N LYS A 12 4.76 1.91 -3.61
CA LYS A 12 4.15 2.85 -2.69
C LYS A 12 4.43 2.40 -1.26
N CYS A 13 4.29 1.08 -1.05
CA CYS A 13 4.50 0.48 0.26
C CYS A 13 5.97 0.12 0.40
N ALA A 14 6.73 0.26 -0.66
CA ALA A 14 8.15 -0.06 -0.62
C ALA A 14 8.84 0.82 0.41
N SER A 15 8.31 2.03 0.57
CA SER A 15 8.88 2.98 1.51
C SER A 15 8.25 2.76 2.89
N GLY A 16 7.35 1.80 2.96
CA GLY A 16 6.68 1.48 4.21
C GLY A 16 5.28 0.94 3.96
N CYS A 17 4.30 1.83 4.05
CA CYS A 17 2.92 1.46 3.83
C CYS A 17 2.07 2.73 3.86
N VAL A 18 1.54 3.08 2.69
CA VAL A 18 0.71 4.26 2.57
C VAL A 18 -0.73 3.90 2.91
N CYS A 19 -0.94 2.62 3.20
CA CYS A 19 -2.26 2.11 3.54
C CYS A 19 -2.59 2.49 4.98
N LYS A 20 -1.61 3.00 5.70
CA LYS A 20 -1.82 3.41 7.09
C LYS A 20 -2.89 4.50 7.13
N GLY A 21 -2.99 5.24 6.04
CA GLY A 21 -3.95 6.32 5.94
C GLY A 21 -5.37 5.77 5.75
N LYS A 22 -5.73 5.56 4.49
CA LYS A 22 -7.05 5.03 4.16
C LYS A 22 -6.91 3.58 3.71
N THR A 23 -8.05 3.01 3.33
CA THR A 23 -8.07 1.63 2.86
C THR A 23 -6.95 1.39 1.85
N CYS A 24 -7.31 1.50 0.58
CA CYS A 24 -6.36 1.30 -0.49
C CYS A 24 -7.08 1.52 -1.82
N ASP A 25 -7.19 2.78 -2.21
CA ASP A 25 -7.86 3.14 -3.45
C ASP A 25 -6.91 3.99 -4.29
N THR A 26 -7.49 4.60 -5.33
CA THR A 26 -6.72 5.45 -6.22
C THR A 26 -6.03 6.57 -5.43
N SER A 27 -6.50 6.75 -4.20
CA SER A 27 -5.95 7.78 -3.33
C SER A 27 -5.04 7.15 -2.28
N CYS A 28 -4.59 5.94 -2.57
CA CYS A 28 -3.72 5.21 -1.66
C CYS A 28 -2.53 4.67 -2.46
N CYS A 29 -2.78 3.56 -3.15
CA CYS A 29 -1.76 2.92 -3.95
C CYS A 29 -2.26 2.77 -5.39
N GLN A 30 -3.58 2.73 -5.56
CA GLN A 30 -4.16 2.60 -6.88
C GLN A 30 -4.03 3.91 -7.65
CD CD B . 1.56 -1.71 2.64
CD CD C . 0.41 -0.49 -1.29
CD CD D . -1.98 -2.29 1.18
CD CD E . -2.79 1.34 -0.01
N SER A 1 4.92 -9.57 3.33
CA SER A 1 4.16 -8.48 2.74
C SER A 1 3.63 -7.56 3.84
N CYS A 2 3.94 -6.28 3.70
CA CYS A 2 3.50 -5.29 4.67
C CYS A 2 2.02 -5.51 4.94
N CYS A 3 1.23 -5.49 3.86
CA CYS A 3 -0.21 -5.68 3.95
C CYS A 3 -0.65 -6.67 2.88
N PRO A 4 -1.58 -7.59 3.27
CA PRO A 4 -2.08 -8.59 2.33
C PRO A 4 -3.04 -7.95 1.32
N CYS A 5 -3.19 -6.65 1.42
CA CYS A 5 -4.08 -5.92 0.53
C CYS A 5 -3.26 -5.42 -0.66
N CYS A 6 -1.97 -5.69 -0.60
CA CYS A 6 -1.06 -5.29 -1.66
C CYS A 6 -0.15 -6.47 -2.00
N PRO A 7 0.45 -6.40 -3.22
CA PRO A 7 1.34 -7.46 -3.68
C PRO A 7 2.69 -7.37 -2.97
N SER A 8 3.45 -8.45 -3.07
CA SER A 8 4.76 -8.51 -2.45
C SER A 8 5.72 -7.56 -3.16
N GLY A 9 5.37 -6.28 -3.12
CA GLY A 9 6.19 -5.26 -3.75
C GLY A 9 5.59 -3.88 -3.56
N CYS A 10 4.68 -3.52 -4.44
CA CYS A 10 4.03 -2.23 -4.37
C CYS A 10 5.07 -1.18 -4.00
N THR A 11 5.66 -0.58 -5.02
CA THR A 11 6.68 0.43 -4.81
C THR A 11 6.12 1.59 -3.98
N LYS A 12 4.79 1.61 -3.89
CA LYS A 12 4.12 2.66 -3.12
C LYS A 12 4.28 2.38 -1.63
N CYS A 13 4.08 1.11 -1.27
CA CYS A 13 4.19 0.67 0.10
C CYS A 13 5.66 0.57 0.50
N ALA A 14 6.54 0.73 -0.48
CA ALA A 14 7.97 0.65 -0.22
C ALA A 14 8.40 1.87 0.59
N SER A 15 7.57 2.90 0.54
CA SER A 15 7.86 4.14 1.25
C SER A 15 7.55 3.96 2.74
N GLY A 16 6.85 2.86 3.03
CA GLY A 16 6.47 2.57 4.40
C GLY A 16 4.97 2.27 4.52
N CYS A 17 4.48 1.54 3.54
CA CYS A 17 3.07 1.18 3.51
C CYS A 17 2.25 2.47 3.41
N VAL A 18 1.61 2.64 2.27
CA VAL A 18 0.79 3.82 2.03
C VAL A 18 -0.66 3.53 2.42
N CYS A 19 -0.85 2.32 2.97
CA CYS A 19 -2.17 1.89 3.38
C CYS A 19 -2.37 2.23 4.85
N LYS A 20 -1.32 2.70 5.51
CA LYS A 20 -1.41 3.06 6.91
C LYS A 20 -2.26 4.32 7.06
N GLY A 21 -3.39 4.17 7.73
CA GLY A 21 -4.29 5.29 7.94
C GLY A 21 -5.46 5.24 6.96
N LYS A 22 -5.13 5.14 5.68
CA LYS A 22 -6.14 5.09 4.64
C LYS A 22 -6.39 3.63 4.25
N THR A 23 -7.33 3.44 3.34
CA THR A 23 -7.67 2.11 2.88
C THR A 23 -6.72 1.68 1.75
N CYS A 24 -7.18 1.89 0.53
CA CYS A 24 -6.39 1.54 -0.64
C CYS A 24 -7.20 1.86 -1.89
N ASP A 25 -7.15 3.12 -2.29
CA ASP A 25 -7.87 3.57 -3.47
C ASP A 25 -6.90 4.28 -4.42
N THR A 26 -7.48 4.93 -5.42
CA THR A 26 -6.68 5.65 -6.40
C THR A 26 -5.83 6.72 -5.71
N SER A 27 -6.18 6.99 -4.47
CA SER A 27 -5.46 7.99 -3.69
C SER A 27 -4.58 7.30 -2.64
N CYS A 28 -4.30 6.03 -2.89
CA CYS A 28 -3.48 5.25 -1.97
C CYS A 28 -2.37 4.57 -2.78
N CYS A 29 -2.75 3.46 -3.43
CA CYS A 29 -1.83 2.69 -4.24
C CYS A 29 -2.38 2.55 -5.65
N GLN A 30 -3.70 2.66 -5.78
CA GLN A 30 -4.33 2.54 -7.08
C GLN A 30 -4.16 3.83 -7.88
CD CD B . 1.47 -1.95 2.41
CD CD C . 0.32 -0.70 -1.48
CD CD D . -2.09 -2.52 0.98
CD CD E . -2.80 1.37 -0.17
N SER A 1 5.03 -10.12 4.30
CA SER A 1 4.19 -9.24 3.51
C SER A 1 4.13 -7.85 4.14
N CYS A 2 3.47 -6.94 3.45
CA CYS A 2 3.34 -5.58 3.93
C CYS A 2 1.87 -5.34 4.29
N CYS A 3 0.99 -5.83 3.42
CA CYS A 3 -0.43 -5.69 3.62
C CYS A 3 -1.19 -6.59 2.64
N PRO A 4 -2.29 -7.22 3.11
CA PRO A 4 -3.07 -8.10 2.26
C PRO A 4 -3.91 -7.30 1.26
N CYS A 5 -3.55 -6.04 1.12
CA CYS A 5 -4.25 -5.15 0.21
C CYS A 5 -3.26 -4.64 -0.83
N CYS A 6 -2.12 -5.31 -0.90
CA CYS A 6 -1.08 -4.93 -1.85
C CYS A 6 -0.17 -6.14 -2.07
N PRO A 7 0.52 -6.13 -3.24
CA PRO A 7 1.43 -7.21 -3.58
C PRO A 7 2.73 -7.12 -2.78
N SER A 8 3.51 -8.18 -2.86
CA SER A 8 4.77 -8.24 -2.14
C SER A 8 5.78 -7.29 -2.81
N GLY A 9 5.41 -6.02 -2.85
CA GLY A 9 6.28 -5.01 -3.45
C GLY A 9 5.64 -3.62 -3.33
N CYS A 10 4.85 -3.28 -4.34
CA CYS A 10 4.18 -1.99 -4.36
C CYS A 10 5.21 -0.91 -3.99
N THR A 11 5.76 -0.29 -5.02
CA THR A 11 6.75 0.75 -4.82
C THR A 11 6.22 1.80 -3.83
N LYS A 12 4.91 1.84 -3.70
CA LYS A 12 4.27 2.78 -2.80
C LYS A 12 4.50 2.34 -1.36
N CYS A 13 4.36 1.03 -1.13
CA CYS A 13 4.56 0.44 0.18
C CYS A 13 6.04 0.15 0.39
N ALA A 14 6.84 0.33 -0.64
CA ALA A 14 8.27 0.08 -0.54
C ALA A 14 8.92 1.20 0.27
N SER A 15 8.46 2.42 0.02
CA SER A 15 8.99 3.58 0.71
C SER A 15 8.22 3.80 2.00
N GLY A 16 7.28 2.91 2.27
CA GLY A 16 6.47 3.00 3.47
C GLY A 16 5.00 2.72 3.16
N CYS A 17 4.46 1.74 3.87
CA CYS A 17 3.07 1.36 3.68
C CYS A 17 2.22 2.63 3.68
N VAL A 18 1.68 2.95 2.51
CA VAL A 18 0.85 4.14 2.37
C VAL A 18 -0.60 3.78 2.70
N CYS A 19 -0.79 2.53 3.13
CA CYS A 19 -2.11 2.03 3.49
C CYS A 19 -2.43 2.41 4.92
N LYS A 20 -1.43 2.92 5.64
CA LYS A 20 -1.63 3.32 7.02
C LYS A 20 -2.53 4.56 7.06
N GLY A 21 -3.69 4.39 7.69
CA GLY A 21 -4.64 5.48 7.81
C GLY A 21 -5.85 5.26 6.89
N LYS A 22 -5.56 5.09 5.62
CA LYS A 22 -6.61 4.87 4.63
C LYS A 22 -6.64 3.39 4.25
N THR A 23 -7.56 3.07 3.36
CA THR A 23 -7.71 1.69 2.90
C THR A 23 -6.65 1.36 1.85
N CYS A 24 -7.06 1.46 0.60
CA CYS A 24 -6.17 1.17 -0.51
C CYS A 24 -6.92 1.38 -1.82
N ASP A 25 -7.02 2.63 -2.22
CA ASP A 25 -7.72 2.98 -3.45
C ASP A 25 -6.80 3.83 -4.33
N THR A 26 -7.40 4.41 -5.36
CA THR A 26 -6.66 5.24 -6.29
C THR A 26 -5.97 6.39 -5.53
N SER A 27 -6.40 6.59 -4.30
CA SER A 27 -5.85 7.64 -3.48
C SER A 27 -4.93 7.04 -2.40
N CYS A 28 -4.48 5.83 -2.67
CA CYS A 28 -3.61 5.13 -1.75
C CYS A 28 -2.41 4.58 -2.53
N CYS A 29 -2.65 3.45 -3.20
CA CYS A 29 -1.64 2.80 -4.01
C CYS A 29 -2.14 2.63 -5.43
N GLN A 30 -3.45 2.58 -5.60
CA GLN A 30 -4.03 2.43 -6.93
C GLN A 30 -3.94 3.74 -7.70
CD CD B . 1.70 -1.78 2.55
CD CD C . 0.53 -0.57 -1.41
CD CD D . -1.85 -2.33 1.07
CD CD E . -2.65 1.32 -0.02
N SER A 1 6.53 -9.54 3.62
CA SER A 1 5.29 -8.96 3.15
C SER A 1 5.03 -7.63 3.87
N CYS A 2 3.93 -6.99 3.47
CA CYS A 2 3.56 -5.72 4.07
C CYS A 2 2.10 -5.82 4.54
N CYS A 3 1.19 -5.77 3.56
CA CYS A 3 -0.22 -5.86 3.83
C CYS A 3 -0.89 -6.77 2.81
N PRO A 4 -1.90 -7.56 3.27
CA PRO A 4 -2.59 -8.47 2.36
C PRO A 4 -3.55 -7.71 1.45
N CYS A 5 -3.36 -6.40 1.41
CA CYS A 5 -4.21 -5.55 0.58
C CYS A 5 -3.35 -4.97 -0.54
N CYS A 6 -2.14 -5.48 -0.64
CA CYS A 6 -1.21 -5.03 -1.66
C CYS A 6 -0.33 -6.22 -2.08
N PRO A 7 0.29 -6.07 -3.29
CA PRO A 7 1.15 -7.12 -3.81
C PRO A 7 2.50 -7.13 -3.08
N SER A 8 3.22 -8.24 -3.25
CA SER A 8 4.51 -8.39 -2.63
C SER A 8 5.52 -7.42 -3.25
N GLY A 9 5.21 -6.14 -3.14
CA GLY A 9 6.07 -5.11 -3.69
C GLY A 9 5.48 -3.72 -3.45
N CYS A 10 4.65 -3.29 -4.39
CA CYS A 10 4.02 -1.98 -4.30
C CYS A 10 5.09 -0.96 -3.88
N THR A 11 5.61 -0.27 -4.88
CA THR A 11 6.64 0.73 -4.63
C THR A 11 6.12 1.79 -3.64
N LYS A 12 4.80 1.83 -3.50
CA LYS A 12 4.18 2.78 -2.59
C LYS A 12 4.40 2.32 -1.15
N CYS A 13 4.27 1.01 -0.95
CA CYS A 13 4.45 0.41 0.36
C CYS A 13 5.91 0.09 0.58
N ALA A 14 6.73 0.28 -0.45
CA ALA A 14 8.15 0.00 -0.35
C ALA A 14 8.80 1.06 0.54
N SER A 15 8.44 2.30 0.28
CA SER A 15 8.99 3.41 1.05
C SER A 15 8.17 3.61 2.33
N GLY A 16 7.19 2.75 2.51
CA GLY A 16 6.33 2.82 3.68
C GLY A 16 4.87 2.54 3.31
N CYS A 17 4.24 1.67 4.09
CA CYS A 17 2.86 1.31 3.86
C CYS A 17 2.02 2.58 3.88
N VAL A 18 1.43 2.89 2.73
CA VAL A 18 0.60 4.07 2.60
C VAL A 18 -0.85 3.71 2.92
N CYS A 19 -1.05 2.44 3.29
CA CYS A 19 -2.37 1.93 3.63
C CYS A 19 -2.68 2.29 5.08
N LYS A 20 -1.69 2.76 5.82
CA LYS A 20 -1.89 3.12 7.21
C LYS A 20 -2.90 4.27 7.29
N GLY A 21 -2.89 5.10 6.25
CA GLY A 21 -3.80 6.23 6.20
C GLY A 21 -5.22 5.78 5.83
N LYS A 22 -5.43 5.61 4.53
CA LYS A 22 -6.73 5.18 4.04
C LYS A 22 -6.68 3.69 3.71
N THR A 23 -7.80 3.18 3.21
CA THR A 23 -7.90 1.78 2.85
C THR A 23 -6.83 1.42 1.82
N CYS A 24 -7.21 1.57 0.56
CA CYS A 24 -6.29 1.26 -0.53
C CYS A 24 -7.03 1.52 -1.85
N ASP A 25 -7.09 2.79 -2.22
CA ASP A 25 -7.76 3.18 -3.45
C ASP A 25 -6.81 4.02 -4.29
N THR A 26 -7.36 4.64 -5.32
CA THR A 26 -6.57 5.47 -6.22
C THR A 26 -5.88 6.59 -5.43
N SER A 27 -6.35 6.78 -4.21
CA SER A 27 -5.79 7.81 -3.34
C SER A 27 -4.92 7.16 -2.27
N CYS A 28 -4.49 5.94 -2.55
CA CYS A 28 -3.66 5.20 -1.61
C CYS A 28 -2.46 4.63 -2.38
N CYS A 29 -2.70 3.52 -3.06
CA CYS A 29 -1.68 2.86 -3.84
C CYS A 29 -2.15 2.71 -5.29
N GLN A 30 -3.46 2.71 -5.48
CA GLN A 30 -4.01 2.59 -6.83
C GLN A 30 -3.87 3.90 -7.59
CD CD B . 1.51 -1.90 2.67
CD CD C . 0.39 -0.59 -1.22
CD CD D . -2.04 -2.43 1.20
CD CD E . -2.82 1.32 0.10
N SER A 1 6.10 -8.31 3.47
CA SER A 1 4.66 -8.23 3.42
C SER A 1 4.14 -7.25 4.47
N CYS A 2 3.77 -6.06 4.00
CA CYS A 2 3.27 -5.04 4.89
C CYS A 2 1.76 -5.24 5.07
N CYS A 3 1.07 -5.30 3.92
CA CYS A 3 -0.37 -5.50 3.91
C CYS A 3 -0.74 -6.50 2.82
N PRO A 4 -1.67 -7.43 3.14
CA PRO A 4 -2.09 -8.43 2.17
C PRO A 4 -3.02 -7.81 1.12
N CYS A 5 -3.21 -6.51 1.24
CA CYS A 5 -4.08 -5.79 0.31
C CYS A 5 -3.22 -5.28 -0.84
N CYS A 6 -1.92 -5.53 -0.73
CA CYS A 6 -0.98 -5.10 -1.75
C CYS A 6 -0.04 -6.27 -2.06
N PRO A 7 0.57 -6.21 -3.27
CA PRO A 7 1.49 -7.25 -3.70
C PRO A 7 2.83 -7.13 -2.98
N SER A 8 3.63 -8.17 -3.10
CA SER A 8 4.94 -8.19 -2.47
C SER A 8 5.89 -7.21 -3.16
N GLY A 9 5.48 -5.94 -3.16
CA GLY A 9 6.27 -4.90 -3.78
C GLY A 9 5.62 -3.53 -3.58
N CYS A 10 4.74 -3.19 -4.51
CA CYS A 10 4.05 -1.92 -4.46
C CYS A 10 5.06 -0.84 -4.04
N THR A 11 5.63 -0.19 -5.05
CA THR A 11 6.61 0.85 -4.80
C THR A 11 6.06 1.87 -3.80
N LYS A 12 4.74 1.90 -3.70
CA LYS A 12 4.08 2.81 -2.79
C LYS A 12 4.30 2.35 -1.35
N CYS A 13 4.20 1.03 -1.16
CA CYS A 13 4.39 0.42 0.14
C CYS A 13 5.84 0.06 0.32
N ALA A 14 6.62 0.17 -0.74
CA ALA A 14 8.04 -0.16 -0.66
C ALA A 14 8.71 0.72 0.39
N SER A 15 8.20 1.94 0.51
CA SER A 15 8.74 2.89 1.47
C SER A 15 8.16 2.61 2.86
N GLY A 16 7.25 1.64 2.91
CA GLY A 16 6.61 1.28 4.16
C GLY A 16 5.20 0.73 3.92
N CYS A 17 4.24 1.64 3.90
CA CYS A 17 2.86 1.26 3.69
C CYS A 17 2.00 2.53 3.68
N VAL A 18 1.50 2.86 2.50
CA VAL A 18 0.67 4.05 2.34
C VAL A 18 -0.78 3.70 2.69
N CYS A 19 -0.98 2.44 3.09
CA CYS A 19 -2.29 1.94 3.46
C CYS A 19 -2.55 2.23 4.92
N LYS A 20 -1.53 2.70 5.63
CA LYS A 20 -1.67 3.01 7.04
C LYS A 20 -2.62 4.20 7.20
N GLY A 21 -2.67 5.02 6.16
CA GLY A 21 -3.53 6.20 6.17
C GLY A 21 -4.99 5.80 5.99
N LYS A 22 -5.33 5.43 4.77
CA LYS A 22 -6.69 5.03 4.46
C LYS A 22 -6.69 3.60 3.91
N THR A 23 -7.86 3.16 3.51
CA THR A 23 -8.01 1.81 2.96
C THR A 23 -6.93 1.54 1.90
N CYS A 24 -7.33 1.67 0.65
CA CYS A 24 -6.42 1.44 -0.45
C CYS A 24 -7.18 1.66 -1.76
N ASP A 25 -7.29 2.92 -2.14
CA ASP A 25 -7.99 3.29 -3.37
C ASP A 25 -7.06 4.12 -4.25
N THR A 26 -7.65 4.73 -5.26
CA THR A 26 -6.90 5.56 -6.18
C THR A 26 -6.16 6.66 -5.43
N SER A 27 -6.56 6.85 -4.18
CA SER A 27 -5.94 7.86 -3.34
C SER A 27 -5.00 7.21 -2.32
N CYS A 28 -4.60 5.98 -2.64
CA CYS A 28 -3.71 5.25 -1.77
C CYS A 28 -2.57 4.68 -2.61
N CYS A 29 -2.88 3.57 -3.30
CA CYS A 29 -1.92 2.90 -4.15
C CYS A 29 -2.49 2.77 -5.56
N GLN A 30 -3.81 2.76 -5.67
CA GLN A 30 -4.45 2.63 -6.97
C GLN A 30 -4.32 3.94 -7.75
CD CD B . 1.35 -1.75 2.43
CD CD C . 0.33 -0.53 -1.51
CD CD D . -2.17 -2.35 0.86
CD CD E . -2.82 1.49 -0.15
N SER A 1 6.90 -8.92 3.30
CA SER A 1 5.48 -8.65 3.23
C SER A 1 5.21 -7.20 3.59
N CYS A 2 3.93 -6.85 3.63
CA CYS A 2 3.52 -5.50 3.96
C CYS A 2 2.07 -5.53 4.45
N CYS A 3 1.16 -5.74 3.50
CA CYS A 3 -0.26 -5.80 3.80
C CYS A 3 -0.94 -6.75 2.81
N PRO A 4 -1.95 -7.51 3.31
CA PRO A 4 -2.66 -8.45 2.44
C PRO A 4 -3.63 -7.70 1.53
N CYS A 5 -3.43 -6.40 1.43
CA CYS A 5 -4.27 -5.57 0.59
C CYS A 5 -3.42 -5.02 -0.55
N CYS A 6 -2.21 -5.55 -0.67
CA CYS A 6 -1.29 -5.12 -1.71
C CYS A 6 -0.41 -6.31 -2.09
N PRO A 7 0.21 -6.21 -3.29
CA PRO A 7 1.08 -7.25 -3.78
C PRO A 7 2.42 -7.24 -3.06
N SER A 8 3.14 -8.35 -3.19
CA SER A 8 4.44 -8.48 -2.55
C SER A 8 5.44 -7.54 -3.21
N GLY A 9 5.17 -6.25 -3.10
CA GLY A 9 6.03 -5.24 -3.69
C GLY A 9 5.45 -3.84 -3.49
N CYS A 10 4.60 -3.45 -4.43
CA CYS A 10 3.97 -2.14 -4.38
C CYS A 10 5.04 -1.12 -3.97
N THR A 11 5.61 -0.47 -4.96
CA THR A 11 6.63 0.53 -4.72
C THR A 11 6.07 1.67 -3.88
N LYS A 12 4.75 1.70 -3.78
CA LYS A 12 4.08 2.73 -3.00
C LYS A 12 4.23 2.42 -1.51
N CYS A 13 4.08 1.14 -1.18
CA CYS A 13 4.20 0.68 0.19
C CYS A 13 5.67 0.57 0.57
N ALA A 14 6.55 0.78 -0.40
CA ALA A 14 7.98 0.70 -0.14
C ALA A 14 8.40 1.88 0.74
N SER A 15 7.52 2.87 0.80
CA SER A 15 7.79 4.06 1.60
C SER A 15 7.45 3.79 3.07
N GLY A 16 6.79 2.66 3.30
CA GLY A 16 6.39 2.28 4.64
C GLY A 16 4.88 2.02 4.71
N CYS A 17 4.38 1.35 3.69
CA CYS A 17 2.96 1.03 3.63
C CYS A 17 2.18 2.35 3.58
N VAL A 18 1.55 2.58 2.45
CA VAL A 18 0.76 3.80 2.26
C VAL A 18 -0.69 3.53 2.69
N CYS A 19 -0.92 2.31 3.17
CA CYS A 19 -2.23 1.90 3.63
C CYS A 19 -2.36 2.17 5.12
N LYS A 20 -1.24 2.44 5.78
CA LYS A 20 -1.26 2.70 7.20
C LYS A 20 -2.32 3.76 7.51
N GLY A 21 -2.57 4.61 6.51
CA GLY A 21 -3.55 5.67 6.65
C GLY A 21 -4.88 5.27 6.03
N LYS A 22 -5.09 5.73 4.80
CA LYS A 22 -6.31 5.42 4.09
C LYS A 22 -6.39 3.92 3.82
N THR A 23 -7.49 3.51 3.22
CA THR A 23 -7.70 2.11 2.92
C THR A 23 -6.72 1.65 1.83
N CYS A 24 -7.16 1.80 0.58
CA CYS A 24 -6.33 1.41 -0.54
C CYS A 24 -7.13 1.67 -1.83
N ASP A 25 -7.09 2.91 -2.27
CA ASP A 25 -7.81 3.30 -3.48
C ASP A 25 -6.85 4.06 -4.41
N THR A 26 -7.43 4.68 -5.42
CA THR A 26 -6.66 5.43 -6.39
C THR A 26 -5.87 6.54 -5.67
N SER A 27 -6.26 6.80 -4.43
CA SER A 27 -5.62 7.83 -3.64
C SER A 27 -4.75 7.19 -2.56
N CYS A 28 -4.39 5.94 -2.80
CA CYS A 28 -3.57 5.20 -1.86
C CYS A 28 -2.42 4.54 -2.63
N CYS A 29 -2.74 3.43 -3.27
CA CYS A 29 -1.77 2.68 -4.06
C CYS A 29 -2.29 2.51 -5.48
N GLN A 30 -3.60 2.58 -5.65
CA GLN A 30 -4.19 2.43 -6.97
C GLN A 30 -4.04 3.72 -7.77
CD CD B . 1.45 -1.86 2.55
CD CD C . 0.31 -0.70 -1.40
CD CD D . -2.10 -2.44 1.11
CD CD E . -2.85 1.35 -0.03
N SER A 1 6.87 -7.59 3.57
CA SER A 1 5.47 -7.36 3.31
C SER A 1 4.84 -6.60 4.47
N CYS A 2 3.90 -5.73 4.13
CA CYS A 2 3.22 -4.93 5.12
C CYS A 2 1.77 -5.42 5.23
N CYS A 3 0.97 -5.04 4.23
CA CYS A 3 -0.43 -5.43 4.18
C CYS A 3 -0.61 -6.55 3.18
N PRO A 4 -1.39 -7.60 3.57
CA PRO A 4 -1.63 -8.72 2.68
C PRO A 4 -2.61 -8.36 1.57
N CYS A 5 -2.98 -7.08 1.56
CA CYS A 5 -3.92 -6.60 0.55
C CYS A 5 -3.12 -6.18 -0.69
N CYS A 6 -1.87 -5.81 -0.45
CA CYS A 6 -0.99 -5.40 -1.53
C CYS A 6 0.00 -6.52 -1.80
N PRO A 7 0.53 -6.53 -3.06
CA PRO A 7 1.49 -7.54 -3.46
C PRO A 7 2.87 -7.27 -2.85
N SER A 8 3.71 -8.30 -2.90
CA SER A 8 5.04 -8.18 -2.35
C SER A 8 5.89 -7.22 -3.21
N GLY A 9 5.39 -6.00 -3.31
CA GLY A 9 6.09 -4.97 -4.09
C GLY A 9 5.48 -3.59 -3.83
N CYS A 10 4.50 -3.26 -4.66
CA CYS A 10 3.83 -1.98 -4.54
C CYS A 10 4.87 -0.93 -4.14
N THR A 11 5.47 -0.32 -5.15
CA THR A 11 6.48 0.69 -4.91
C THR A 11 5.99 1.70 -3.87
N LYS A 12 4.68 1.77 -3.73
CA LYS A 12 4.08 2.67 -2.78
C LYS A 12 4.29 2.14 -1.36
N CYS A 13 4.13 0.82 -1.22
CA CYS A 13 4.31 0.16 0.05
C CYS A 13 5.76 -0.24 0.23
N ALA A 14 6.56 -0.07 -0.82
CA ALA A 14 7.96 -0.42 -0.77
C ALA A 14 8.68 0.51 0.22
N SER A 15 8.30 1.77 0.16
CA SER A 15 8.90 2.78 1.03
C SER A 15 8.32 2.65 2.44
N GLY A 16 7.36 1.75 2.58
CA GLY A 16 6.73 1.51 3.86
C GLY A 16 5.35 0.86 3.69
N CYS A 17 4.34 1.72 3.66
CA CYS A 17 2.97 1.24 3.49
C CYS A 17 2.03 2.45 3.53
N VAL A 18 1.54 2.80 2.35
CA VAL A 18 0.63 3.93 2.22
C VAL A 18 -0.80 3.48 2.54
N CYS A 19 -0.92 2.17 2.84
CA CYS A 19 -2.20 1.59 3.16
C CYS A 19 -2.60 1.96 4.59
N LYS A 20 -1.66 2.51 5.33
CA LYS A 20 -1.92 2.90 6.70
C LYS A 20 -2.58 4.29 6.72
N GLY A 21 -3.83 4.31 7.15
CA GLY A 21 -4.58 5.55 7.22
C GLY A 21 -5.95 5.41 6.55
N LYS A 22 -5.91 5.24 5.24
CA LYS A 22 -7.14 5.09 4.46
C LYS A 22 -7.22 3.66 3.93
N THR A 23 -8.29 3.39 3.20
CA THR A 23 -8.50 2.08 2.62
C THR A 23 -7.42 1.77 1.58
N CYS A 24 -7.74 2.06 0.33
CA CYS A 24 -6.80 1.82 -0.76
C CYS A 24 -7.48 2.23 -2.07
N ASP A 25 -7.32 3.50 -2.41
CA ASP A 25 -7.91 4.03 -3.63
C ASP A 25 -6.84 4.80 -4.41
N THR A 26 -7.29 5.56 -5.39
CA THR A 26 -6.40 6.35 -6.21
C THR A 26 -5.58 7.30 -5.35
N SER A 27 -6.02 7.45 -4.10
CA SER A 27 -5.35 8.33 -3.16
C SER A 27 -4.56 7.50 -2.14
N CYS A 28 -4.31 6.25 -2.51
CA CYS A 28 -3.58 5.35 -1.64
C CYS A 28 -2.46 4.69 -2.45
N CYS A 29 -2.81 3.58 -3.09
CA CYS A 29 -1.87 2.83 -3.91
C CYS A 29 -2.31 2.89 -5.37
N GLN A 30 -3.60 3.13 -5.59
CA GLN A 30 -4.12 3.19 -6.94
C GLN A 30 -3.80 4.54 -7.58
CD CD B . 1.15 -1.80 2.55
CD CD C . 0.13 -0.78 -1.44
CD CD D . -2.46 -2.81 0.81
CD CD E . -3.29 1.21 -0.11
N SER A 1 5.86 -9.05 3.58
CA SER A 1 4.97 -8.02 3.09
C SER A 1 4.58 -7.06 4.21
N CYS A 2 3.87 -6.02 3.84
CA CYS A 2 3.43 -5.02 4.80
C CYS A 2 1.93 -5.23 5.07
N CYS A 3 1.16 -5.20 3.97
CA CYS A 3 -0.27 -5.38 4.04
C CYS A 3 -0.71 -6.38 2.97
N PRO A 4 -1.65 -7.29 3.36
CA PRO A 4 -2.12 -8.29 2.41
C PRO A 4 -3.09 -7.67 1.40
N CYS A 5 -3.25 -6.36 1.51
CA CYS A 5 -4.13 -5.64 0.62
C CYS A 5 -3.32 -5.15 -0.58
N CYS A 6 -2.03 -5.40 -0.51
CA CYS A 6 -1.13 -5.00 -1.59
C CYS A 6 -0.21 -6.19 -1.92
N PRO A 7 0.35 -6.14 -3.15
CA PRO A 7 1.24 -7.20 -3.61
C PRO A 7 2.60 -7.11 -2.94
N SER A 8 3.36 -8.19 -3.05
CA SER A 8 4.68 -8.24 -2.45
C SER A 8 5.63 -7.28 -3.19
N GLY A 9 5.30 -5.99 -3.11
CA GLY A 9 6.10 -4.98 -3.77
C GLY A 9 5.49 -3.59 -3.58
N CYS A 10 4.57 -3.26 -4.47
CA CYS A 10 3.89 -1.98 -4.42
C CYS A 10 4.93 -0.90 -4.06
N THR A 11 5.48 -0.30 -5.11
CA THR A 11 6.48 0.74 -4.92
C THR A 11 5.97 1.82 -3.97
N LYS A 12 4.65 1.84 -3.81
CA LYS A 12 4.02 2.82 -2.94
C LYS A 12 4.27 2.41 -1.48
N CYS A 13 4.17 1.12 -1.23
CA CYS A 13 4.38 0.57 0.10
C CYS A 13 5.84 0.23 0.30
N ALA A 14 6.62 0.33 -0.78
CA ALA A 14 8.05 0.04 -0.70
C ALA A 14 8.69 0.91 0.37
N SER A 15 8.16 2.14 0.49
CA SER A 15 8.67 3.08 1.47
C SER A 15 8.15 2.72 2.86
N GLY A 16 7.28 1.72 2.91
CA GLY A 16 6.70 1.28 4.16
C GLY A 16 5.28 0.74 3.95
N CYS A 17 4.34 1.67 3.92
CA CYS A 17 2.94 1.31 3.72
C CYS A 17 2.11 2.59 3.69
N VAL A 18 1.55 2.86 2.52
CA VAL A 18 0.74 4.05 2.34
C VAL A 18 -0.70 3.75 2.80
N CYS A 19 -0.91 2.50 3.21
CA CYS A 19 -2.21 2.06 3.68
C CYS A 19 -2.33 2.30 5.18
N LYS A 20 -1.32 2.93 5.76
CA LYS A 20 -1.33 3.22 7.18
C LYS A 20 -2.75 3.60 7.60
N GLY A 21 -3.08 4.86 7.37
CA GLY A 21 -4.40 5.36 7.72
C GLY A 21 -5.25 5.60 6.48
N LYS A 22 -5.41 4.54 5.70
CA LYS A 22 -6.20 4.61 4.48
C LYS A 22 -6.50 3.19 3.98
N THR A 23 -7.45 3.11 3.07
CA THR A 23 -7.83 1.83 2.50
C THR A 23 -6.85 1.41 1.42
N CYS A 24 -7.21 1.69 0.18
CA CYS A 24 -6.37 1.35 -0.96
C CYS A 24 -7.14 1.67 -2.24
N ASP A 25 -7.24 2.96 -2.52
CA ASP A 25 -7.94 3.41 -3.71
C ASP A 25 -6.97 4.17 -4.62
N THR A 26 -7.54 4.80 -5.64
CA THR A 26 -6.73 5.57 -6.58
C THR A 26 -5.97 6.68 -5.85
N SER A 27 -6.38 6.93 -4.62
CA SER A 27 -5.75 7.96 -3.80
C SER A 27 -4.93 7.31 -2.70
N CYS A 28 -4.57 6.06 -2.91
CA CYS A 28 -3.79 5.32 -1.94
C CYS A 28 -2.60 4.69 -2.66
N CYS A 29 -2.88 3.58 -3.36
CA CYS A 29 -1.87 2.86 -4.10
C CYS A 29 -2.33 2.68 -5.55
N GLN A 30 -3.63 2.74 -5.77
CA GLN A 30 -4.17 2.59 -7.12
C GLN A 30 -4.03 3.89 -7.89
CD CD B . 1.44 -1.66 2.51
CD CD C . 0.30 -0.46 -1.39
CD CD D . -2.14 -2.23 1.06
CD CD E . -2.90 1.45 -0.05
N SER A 1 4.20 -10.20 4.23
CA SER A 1 3.92 -9.13 3.29
C SER A 1 3.76 -7.80 4.03
N CYS A 2 3.73 -6.73 3.25
CA CYS A 2 3.58 -5.39 3.82
C CYS A 2 2.13 -5.21 4.23
N CYS A 3 1.23 -5.72 3.40
CA CYS A 3 -0.20 -5.64 3.66
C CYS A 3 -0.94 -6.58 2.72
N PRO A 4 -2.03 -7.22 3.23
CA PRO A 4 -2.80 -8.14 2.42
C PRO A 4 -3.68 -7.38 1.42
N CYS A 5 -3.35 -6.11 1.24
CA CYS A 5 -4.10 -5.27 0.31
C CYS A 5 -3.12 -4.74 -0.74
N CYS A 6 -1.98 -5.41 -0.84
CA CYS A 6 -0.97 -5.02 -1.80
C CYS A 6 -0.03 -6.21 -2.03
N PRO A 7 0.65 -6.19 -3.21
CA PRO A 7 1.57 -7.25 -3.56
C PRO A 7 2.87 -7.14 -2.75
N SER A 8 3.66 -8.21 -2.82
CA SER A 8 4.92 -8.24 -2.11
C SER A 8 5.92 -7.27 -2.76
N GLY A 9 5.52 -6.01 -2.83
CA GLY A 9 6.35 -4.98 -3.43
C GLY A 9 5.69 -3.61 -3.32
N CYS A 10 4.91 -3.29 -4.34
CA CYS A 10 4.22 -2.01 -4.38
C CYS A 10 5.25 -0.90 -4.11
N THR A 11 5.61 -0.20 -5.18
CA THR A 11 6.57 0.88 -5.07
C THR A 11 6.04 1.97 -4.14
N LYS A 12 4.75 1.91 -3.87
CA LYS A 12 4.12 2.88 -2.99
C LYS A 12 4.40 2.50 -1.53
N CYS A 13 4.28 1.20 -1.26
CA CYS A 13 4.50 0.68 0.08
C CYS A 13 6.00 0.45 0.28
N ALA A 14 6.78 0.65 -0.76
CA ALA A 14 8.21 0.45 -0.67
C ALA A 14 8.78 1.38 0.40
N SER A 15 8.22 2.59 0.45
CA SER A 15 8.66 3.58 1.41
C SER A 15 8.15 3.21 2.81
N GLY A 16 7.32 2.18 2.84
CA GLY A 16 6.76 1.72 4.10
C GLY A 16 5.37 1.11 3.89
N CYS A 17 4.38 1.97 3.82
CA CYS A 17 3.01 1.53 3.62
C CYS A 17 2.10 2.77 3.56
N VAL A 18 1.60 3.02 2.37
CA VAL A 18 0.73 4.17 2.16
C VAL A 18 -0.71 3.78 2.55
N CYS A 19 -0.85 2.54 3.01
CA CYS A 19 -2.14 2.02 3.42
C CYS A 19 -2.40 2.41 4.87
N LYS A 20 -1.38 2.91 5.54
CA LYS A 20 -1.53 3.30 6.93
C LYS A 20 -2.40 4.56 7.02
N GLY A 21 -3.53 4.42 7.71
CA GLY A 21 -4.45 5.53 7.86
C GLY A 21 -5.65 5.40 6.91
N LYS A 22 -5.33 5.19 5.64
CA LYS A 22 -6.36 5.04 4.62
C LYS A 22 -6.53 3.56 4.28
N THR A 23 -7.45 3.30 3.37
CA THR A 23 -7.72 1.93 2.95
C THR A 23 -6.74 1.51 1.85
N CYS A 24 -7.18 1.67 0.62
CA CYS A 24 -6.37 1.31 -0.52
C CYS A 24 -7.18 1.56 -1.80
N ASP A 25 -7.32 2.84 -2.12
CA ASP A 25 -8.06 3.23 -3.31
C ASP A 25 -7.14 3.97 -4.27
N THR A 26 -7.75 4.58 -5.29
CA THR A 26 -6.98 5.31 -6.28
C THR A 26 -6.08 6.35 -5.60
N SER A 27 -6.43 6.68 -4.36
CA SER A 27 -5.66 7.64 -3.60
C SER A 27 -4.69 6.92 -2.67
N CYS A 28 -4.62 5.61 -2.84
CA CYS A 28 -3.73 4.80 -2.03
C CYS A 28 -3.26 3.60 -2.86
N CYS A 29 -2.06 3.74 -3.43
CA CYS A 29 -1.47 2.71 -4.25
C CYS A 29 -2.22 2.61 -5.57
N GLN A 30 -3.53 2.45 -5.50
CA GLN A 30 -4.35 2.35 -6.70
C GLN A 30 -4.28 3.66 -7.50
CD CD B . 1.75 -1.63 2.54
CD CD C . 0.52 -0.59 -1.45
CD CD D . -1.77 -2.38 1.07
CD CD E . -2.71 1.34 -0.08
N SER A 1 5.84 -9.44 3.18
CA SER A 1 4.49 -9.02 3.50
C SER A 1 4.48 -7.53 3.85
N CYS A 2 3.29 -6.97 3.83
CA CYS A 2 3.12 -5.55 4.14
C CYS A 2 1.64 -5.29 4.40
N CYS A 3 0.80 -5.84 3.52
CA CYS A 3 -0.63 -5.69 3.62
C CYS A 3 -1.32 -6.62 2.64
N PRO A 4 -2.45 -7.24 3.07
CA PRO A 4 -3.18 -8.16 2.22
C PRO A 4 -3.97 -7.40 1.15
N CYS A 5 -3.61 -6.13 0.99
CA CYS A 5 -4.27 -5.29 0.00
C CYS A 5 -3.23 -4.82 -1.01
N CYS A 6 -2.08 -5.46 -0.96
CA CYS A 6 -0.99 -5.12 -1.87
C CYS A 6 -0.06 -6.32 -1.97
N PRO A 7 0.69 -6.38 -3.11
CA PRO A 7 1.62 -7.47 -3.34
C PRO A 7 2.88 -7.29 -2.49
N SER A 8 3.80 -8.24 -2.65
CA SER A 8 5.05 -8.20 -1.91
C SER A 8 6.03 -7.22 -2.59
N GLY A 9 5.54 -6.03 -2.84
CA GLY A 9 6.37 -5.01 -3.48
C GLY A 9 5.71 -3.63 -3.36
N CYS A 10 4.91 -3.31 -4.36
CA CYS A 10 4.22 -2.02 -4.38
C CYS A 10 5.22 -0.94 -3.97
N THR A 11 5.82 -0.32 -4.97
CA THR A 11 6.79 0.73 -4.73
C THR A 11 6.22 1.77 -3.76
N LYS A 12 4.90 1.80 -3.68
CA LYS A 12 4.23 2.73 -2.80
C LYS A 12 4.42 2.28 -1.34
N CYS A 13 4.31 0.97 -1.14
CA CYS A 13 4.48 0.39 0.18
C CYS A 13 5.95 0.10 0.43
N ALA A 14 6.78 0.29 -0.58
CA ALA A 14 8.20 0.05 -0.45
C ALA A 14 8.83 1.17 0.38
N SER A 15 8.42 2.39 0.07
CA SER A 15 8.92 3.56 0.78
C SER A 15 8.15 3.77 2.07
N GLY A 16 7.19 2.88 2.29
CA GLY A 16 6.35 2.96 3.48
C GLY A 16 4.89 2.68 3.15
N CYS A 17 4.35 1.67 3.84
CA CYS A 17 2.96 1.29 3.62
C CYS A 17 2.11 2.56 3.61
N VAL A 18 1.60 2.87 2.42
CA VAL A 18 0.77 4.06 2.26
C VAL A 18 -0.68 3.71 2.64
N CYS A 19 -0.87 2.46 3.04
CA CYS A 19 -2.18 1.98 3.44
C CYS A 19 -2.44 2.34 4.89
N LYS A 20 -1.42 2.81 5.58
CA LYS A 20 -1.57 3.18 6.98
C LYS A 20 -2.41 4.45 7.07
N GLY A 21 -3.53 4.32 7.77
CA GLY A 21 -4.44 5.44 7.95
C GLY A 21 -5.64 5.34 7.00
N LYS A 22 -5.33 5.12 5.74
CA LYS A 22 -6.36 4.99 4.73
C LYS A 22 -6.54 3.52 4.36
N THR A 23 -7.46 3.27 3.44
CA THR A 23 -7.73 1.92 2.99
C THR A 23 -6.78 1.51 1.88
N CYS A 24 -7.21 1.73 0.64
CA CYS A 24 -6.40 1.39 -0.51
C CYS A 24 -7.23 1.66 -1.77
N ASP A 25 -7.28 2.93 -2.14
CA ASP A 25 -8.02 3.34 -3.31
C ASP A 25 -7.09 4.08 -4.27
N THR A 26 -7.69 4.74 -5.25
CA THR A 26 -6.94 5.48 -6.24
C THR A 26 -6.02 6.50 -5.56
N SER A 27 -6.35 6.78 -4.30
CA SER A 27 -5.57 7.74 -3.52
C SER A 27 -4.58 6.99 -2.61
N CYS A 28 -4.53 5.68 -2.79
CA CYS A 28 -3.65 4.85 -2.00
C CYS A 28 -3.22 3.66 -2.84
N CYS A 29 -1.98 3.74 -3.37
CA CYS A 29 -1.43 2.69 -4.20
C CYS A 29 -2.15 2.66 -5.53
N GLN A 30 -3.48 2.57 -5.48
CA GLN A 30 -4.27 2.53 -6.70
C GLN A 30 -4.22 3.88 -7.42
CD CD B . 1.58 -1.84 2.50
CD CD C . 0.51 -0.71 -1.52
CD CD D . -1.96 -2.35 0.96
CD CD E . -2.71 1.35 -0.04
N SER A 1 6.27 -8.61 3.34
CA SER A 1 4.88 -8.23 3.20
C SER A 1 4.51 -7.14 4.21
N CYS A 2 3.44 -6.41 3.90
CA CYS A 2 2.99 -5.35 4.77
C CYS A 2 1.47 -5.47 4.92
N CYS A 3 0.79 -5.46 3.78
CA CYS A 3 -0.66 -5.57 3.74
C CYS A 3 -1.07 -6.56 2.67
N PRO A 4 -2.08 -7.41 2.97
CA PRO A 4 -2.55 -8.41 2.01
C PRO A 4 -3.39 -7.75 0.92
N CYS A 5 -3.45 -6.42 0.97
CA CYS A 5 -4.21 -5.68 -0.01
C CYS A 5 -3.26 -5.22 -1.11
N CYS A 6 -2.00 -5.60 -0.96
CA CYS A 6 -0.98 -5.24 -1.94
C CYS A 6 -0.10 -6.47 -2.17
N PRO A 7 0.63 -6.43 -3.32
CA PRO A 7 1.52 -7.53 -3.67
C PRO A 7 2.79 -7.49 -2.83
N SER A 8 3.60 -8.53 -2.97
CA SER A 8 4.84 -8.63 -2.23
C SER A 8 5.88 -7.68 -2.84
N GLY A 9 5.51 -6.40 -2.90
CA GLY A 9 6.39 -5.39 -3.45
C GLY A 9 5.77 -4.01 -3.34
N CYS A 10 5.04 -3.64 -4.37
CA CYS A 10 4.39 -2.33 -4.40
C CYS A 10 5.41 -1.27 -4.01
N THR A 11 5.95 -0.60 -5.02
CA THR A 11 6.94 0.43 -4.78
C THR A 11 6.34 1.57 -3.95
N LYS A 12 5.02 1.57 -3.88
CA LYS A 12 4.32 2.58 -3.11
C LYS A 12 4.45 2.29 -1.62
N CYS A 13 4.24 1.01 -1.28
CA CYS A 13 4.32 0.55 0.09
C CYS A 13 5.78 0.44 0.50
N ALA A 14 6.68 0.60 -0.46
CA ALA A 14 8.11 0.52 -0.17
C ALA A 14 8.52 1.71 0.68
N SER A 15 7.67 2.72 0.68
CA SER A 15 7.95 3.92 1.45
C SER A 15 7.56 3.71 2.92
N GLY A 16 6.87 2.60 3.15
CA GLY A 16 6.43 2.27 4.50
C GLY A 16 4.91 2.05 4.54
N CYS A 17 4.42 1.35 3.52
CA CYS A 17 3.00 1.06 3.44
C CYS A 17 2.25 2.39 3.30
N VAL A 18 1.60 2.55 2.16
CA VAL A 18 0.85 3.77 1.89
C VAL A 18 -0.64 3.54 2.21
N CYS A 19 -0.91 2.35 2.76
CA CYS A 19 -2.25 1.96 3.12
C CYS A 19 -2.48 2.23 4.60
N LYS A 20 -1.42 2.57 5.31
CA LYS A 20 -1.53 2.85 6.74
C LYS A 20 -2.23 4.21 6.93
N GLY A 21 -3.04 4.27 7.97
CA GLY A 21 -3.76 5.48 8.28
C GLY A 21 -4.77 5.82 7.17
N LYS A 22 -5.03 4.83 6.33
CA LYS A 22 -5.96 5.00 5.23
C LYS A 22 -6.34 3.63 4.67
N THR A 23 -7.11 3.66 3.59
CA THR A 23 -7.55 2.43 2.96
C THR A 23 -6.57 2.02 1.86
N CYS A 24 -7.07 2.04 0.63
CA CYS A 24 -6.25 1.68 -0.52
C CYS A 24 -7.11 1.80 -1.78
N ASP A 25 -7.34 3.04 -2.19
CA ASP A 25 -8.14 3.30 -3.37
C ASP A 25 -7.34 4.18 -4.34
N THR A 26 -8.06 4.81 -5.25
CA THR A 26 -7.44 5.68 -6.23
C THR A 26 -6.54 6.72 -5.54
N SER A 27 -6.93 7.05 -4.32
CA SER A 27 -6.16 8.02 -3.54
C SER A 27 -5.00 7.31 -2.82
N CYS A 28 -4.81 6.05 -3.17
CA CYS A 28 -3.75 5.26 -2.57
C CYS A 28 -2.88 4.68 -3.70
N CYS A 29 -2.40 3.47 -3.46
CA CYS A 29 -1.57 2.78 -4.43
C CYS A 29 -2.30 2.68 -5.77
N GLN A 30 -3.60 2.90 -5.74
CA GLN A 30 -4.39 2.83 -6.95
C GLN A 30 -4.31 4.16 -7.72
CD CD B . 1.36 -2.01 2.24
CD CD C . 0.55 -0.74 -1.73
CD CD D . -2.13 -2.37 0.58
CD CD E . -2.61 1.51 -0.55
N SER A 1 6.84 -9.03 3.51
CA SER A 1 5.46 -8.69 3.27
C SER A 1 5.19 -7.24 3.67
N CYS A 2 3.94 -6.84 3.56
CA CYS A 2 3.54 -5.48 3.91
C CYS A 2 2.10 -5.53 4.42
N CYS A 3 1.17 -5.72 3.48
CA CYS A 3 -0.24 -5.78 3.79
C CYS A 3 -0.94 -6.71 2.82
N PRO A 4 -1.95 -7.48 3.33
CA PRO A 4 -2.68 -8.40 2.48
C PRO A 4 -3.65 -7.66 1.55
N CYS A 5 -3.44 -6.36 1.45
CA CYS A 5 -4.28 -5.53 0.61
C CYS A 5 -3.42 -4.98 -0.53
N CYS A 6 -2.22 -5.53 -0.66
CA CYS A 6 -1.31 -5.10 -1.69
C CYS A 6 -0.42 -6.29 -2.07
N PRO A 7 0.20 -6.18 -3.28
CA PRO A 7 1.07 -7.23 -3.77
C PRO A 7 2.41 -7.22 -3.03
N SER A 8 3.13 -8.33 -3.15
CA SER A 8 4.42 -8.46 -2.51
C SER A 8 5.43 -7.53 -3.18
N GLY A 9 5.14 -6.24 -3.11
CA GLY A 9 6.01 -5.23 -3.70
C GLY A 9 5.44 -3.83 -3.51
N CYS A 10 4.59 -3.43 -4.45
CA CYS A 10 3.97 -2.12 -4.39
C CYS A 10 5.03 -1.10 -3.98
N THR A 11 5.62 -0.47 -4.98
CA THR A 11 6.65 0.53 -4.74
C THR A 11 6.08 1.68 -3.89
N LYS A 12 4.76 1.71 -3.79
CA LYS A 12 4.10 2.74 -3.02
C LYS A 12 4.24 2.43 -1.53
N CYS A 13 4.09 1.15 -1.20
CA CYS A 13 4.20 0.70 0.17
C CYS A 13 5.67 0.58 0.56
N ALA A 14 6.55 0.78 -0.41
CA ALA A 14 7.98 0.68 -0.15
C ALA A 14 8.42 1.86 0.73
N SER A 15 7.55 2.87 0.78
CA SER A 15 7.83 4.05 1.58
C SER A 15 7.49 3.78 3.05
N GLY A 16 6.81 2.65 3.27
CA GLY A 16 6.43 2.27 4.62
C GLY A 16 4.92 2.02 4.70
N CYS A 17 4.41 1.34 3.68
CA CYS A 17 2.98 1.04 3.63
C CYS A 17 2.21 2.36 3.60
N VAL A 18 1.56 2.59 2.46
CA VAL A 18 0.79 3.80 2.28
C VAL A 18 -0.66 3.54 2.72
N CYS A 19 -0.89 2.32 3.19
CA CYS A 19 -2.20 1.91 3.66
C CYS A 19 -2.33 2.17 5.16
N LYS A 20 -1.20 2.45 5.80
CA LYS A 20 -1.21 2.71 7.23
C LYS A 20 -2.26 3.77 7.55
N GLY A 21 -2.60 4.54 6.52
CA GLY A 21 -3.59 5.59 6.68
C GLY A 21 -4.93 5.18 6.07
N LYS A 22 -5.14 5.63 4.84
CA LYS A 22 -6.37 5.33 4.13
C LYS A 22 -6.44 3.82 3.88
N THR A 23 -7.50 3.41 3.19
CA THR A 23 -7.70 2.01 2.88
C THR A 23 -6.74 1.56 1.78
N CYS A 24 -7.17 1.76 0.55
CA CYS A 24 -6.36 1.40 -0.60
C CYS A 24 -7.17 1.68 -1.87
N ASP A 25 -7.12 2.94 -2.29
CA ASP A 25 -7.84 3.35 -3.49
C ASP A 25 -6.87 4.08 -4.43
N THR A 26 -7.45 4.70 -5.44
CA THR A 26 -6.65 5.45 -6.41
C THR A 26 -5.87 6.55 -5.72
N SER A 27 -6.24 6.83 -4.48
CA SER A 27 -5.58 7.85 -3.70
C SER A 27 -4.72 7.22 -2.61
N CYS A 28 -4.40 5.95 -2.82
CA CYS A 28 -3.58 5.21 -1.87
C CYS A 28 -2.43 4.56 -2.62
N CYS A 29 -2.75 3.45 -3.29
CA CYS A 29 -1.78 2.70 -4.06
C CYS A 29 -2.29 2.51 -5.48
N GLN A 30 -3.60 2.57 -5.66
CA GLN A 30 -4.19 2.41 -6.99
C GLN A 30 -4.03 3.70 -7.79
CD CD B . 1.46 -1.82 2.54
CD CD C . 0.30 -0.68 -1.40
CD CD D . -2.09 -2.41 1.11
CD CD E . -2.85 1.36 -0.01
N SER A 1 5.94 -9.14 2.48
CA SER A 1 4.72 -8.87 3.21
C SER A 1 4.69 -7.40 3.65
N CYS A 2 3.49 -6.85 3.70
CA CYS A 2 3.32 -5.47 4.10
C CYS A 2 1.84 -5.24 4.43
N CYS A 3 0.98 -5.76 3.54
CA CYS A 3 -0.46 -5.64 3.70
C CYS A 3 -1.16 -6.56 2.71
N PRO A 4 -2.25 -7.23 3.17
CA PRO A 4 -3.00 -8.14 2.32
C PRO A 4 -3.85 -7.35 1.31
N CYS A 5 -3.52 -6.07 1.17
CA CYS A 5 -4.25 -5.22 0.25
C CYS A 5 -3.25 -4.68 -0.79
N CYS A 6 -2.10 -5.35 -0.85
CA CYS A 6 -1.06 -4.94 -1.79
C CYS A 6 -0.13 -6.14 -2.01
N PRO A 7 0.57 -6.12 -3.17
CA PRO A 7 1.50 -7.19 -3.51
C PRO A 7 2.78 -7.06 -2.70
N SER A 8 3.60 -8.10 -2.80
CA SER A 8 4.87 -8.13 -2.08
C SER A 8 5.86 -7.16 -2.74
N GLY A 9 5.45 -5.90 -2.81
CA GLY A 9 6.29 -4.87 -3.41
C GLY A 9 5.63 -3.50 -3.30
N CYS A 10 4.82 -3.19 -4.31
CA CYS A 10 4.13 -1.92 -4.34
C CYS A 10 5.12 -0.81 -3.99
N THR A 11 5.65 -0.19 -5.03
CA THR A 11 6.61 0.89 -4.85
C THR A 11 6.08 1.93 -3.88
N LYS A 12 4.76 1.92 -3.72
CA LYS A 12 4.11 2.86 -2.81
C LYS A 12 4.36 2.44 -1.37
N CYS A 13 4.27 1.13 -1.15
CA CYS A 13 4.48 0.56 0.17
C CYS A 13 5.96 0.25 0.36
N ALA A 14 6.74 0.39 -0.70
CA ALA A 14 8.16 0.12 -0.62
C ALA A 14 8.80 1.06 0.42
N SER A 15 8.23 2.25 0.51
CA SER A 15 8.73 3.25 1.45
C SER A 15 8.16 2.97 2.85
N GLY A 16 7.30 1.95 2.91
CA GLY A 16 6.69 1.57 4.17
C GLY A 16 5.30 0.97 3.94
N CYS A 17 4.30 1.84 3.94
CA CYS A 17 2.93 1.42 3.74
C CYS A 17 2.04 2.66 3.73
N VAL A 18 1.51 2.96 2.56
CA VAL A 18 0.64 4.12 2.41
C VAL A 18 -0.79 3.73 2.79
N CYS A 19 -0.93 2.48 3.23
CA CYS A 19 -2.22 1.95 3.64
C CYS A 19 -2.46 2.27 5.11
N LYS A 20 -1.42 2.73 5.80
CA LYS A 20 -1.55 3.05 7.20
C LYS A 20 -2.73 4.00 7.40
N GLY A 21 -2.77 5.03 6.56
CA GLY A 21 -3.84 6.01 6.64
C GLY A 21 -5.11 5.49 5.96
N LYS A 22 -5.23 5.80 4.68
CA LYS A 22 -6.38 5.36 3.91
C LYS A 22 -6.34 3.84 3.73
N THR A 23 -7.45 3.31 3.26
CA THR A 23 -7.55 1.87 3.04
C THR A 23 -6.58 1.43 1.94
N CYS A 24 -7.05 1.54 0.70
CA CYS A 24 -6.24 1.15 -0.44
C CYS A 24 -7.08 1.34 -1.71
N ASP A 25 -7.16 2.60 -2.14
CA ASP A 25 -7.93 2.93 -3.32
C ASP A 25 -7.04 3.75 -4.28
N THR A 26 -7.69 4.33 -5.27
CA THR A 26 -6.99 5.14 -6.25
C THR A 26 -6.27 6.31 -5.56
N SER A 27 -6.63 6.52 -4.31
CA SER A 27 -6.04 7.59 -3.53
C SER A 27 -5.11 7.01 -2.46
N CYS A 28 -4.66 5.79 -2.70
CA CYS A 28 -3.78 5.11 -1.76
C CYS A 28 -2.59 4.56 -2.55
N CYS A 29 -2.83 3.42 -3.20
CA CYS A 29 -1.81 2.76 -4.00
C CYS A 29 -2.31 2.58 -5.42
N GLN A 30 -3.62 2.55 -5.59
CA GLN A 30 -4.21 2.38 -6.91
C GLN A 30 -4.21 3.70 -7.67
CD CD B . 1.64 -1.73 2.58
CD CD C . 0.44 -0.56 -1.38
CD CD D . -1.91 -2.35 1.09
CD CD E . -2.74 1.30 0.03
N SER A 1 5.08 -9.98 4.23
CA SER A 1 4.06 -9.18 3.56
C SER A 1 3.99 -7.80 4.20
N CYS A 2 3.52 -6.85 3.41
CA CYS A 2 3.39 -5.48 3.88
C CYS A 2 1.92 -5.23 4.21
N CYS A 3 1.04 -5.80 3.38
CA CYS A 3 -0.39 -5.66 3.55
C CYS A 3 -1.11 -6.56 2.56
N PRO A 4 -2.22 -7.21 3.03
CA PRO A 4 -2.98 -8.10 2.16
C PRO A 4 -3.82 -7.29 1.16
N CYS A 5 -3.48 -6.03 1.04
CA CYS A 5 -4.19 -5.15 0.12
C CYS A 5 -3.20 -4.62 -0.92
N CYS A 6 -2.03 -5.26 -0.96
CA CYS A 6 -1.00 -4.87 -1.89
C CYS A 6 -0.07 -6.07 -2.10
N PRO A 7 0.64 -6.05 -3.26
CA PRO A 7 1.56 -7.12 -3.59
C PRO A 7 2.85 -7.00 -2.77
N SER A 8 3.66 -8.06 -2.84
CA SER A 8 4.91 -8.08 -2.12
C SER A 8 5.91 -7.11 -2.76
N GLY A 9 5.50 -5.85 -2.82
CA GLY A 9 6.35 -4.82 -3.40
C GLY A 9 5.66 -3.45 -3.31
N CYS A 10 4.89 -3.14 -4.34
CA CYS A 10 4.19 -1.87 -4.40
C CYS A 10 5.18 -0.76 -4.06
N THR A 11 5.67 -0.12 -5.12
CA THR A 11 6.63 0.97 -4.96
C THR A 11 6.10 2.00 -3.96
N LYS A 12 4.79 1.97 -3.78
CA LYS A 12 4.15 2.90 -2.85
C LYS A 12 4.44 2.47 -1.42
N CYS A 13 4.31 1.15 -1.19
CA CYS A 13 4.55 0.58 0.11
C CYS A 13 6.04 0.29 0.29
N ALA A 14 6.80 0.47 -0.78
CA ALA A 14 8.24 0.23 -0.73
C ALA A 14 8.86 1.15 0.32
N SER A 15 8.28 2.33 0.45
CA SER A 15 8.77 3.29 1.42
C SER A 15 8.22 2.99 2.81
N GLY A 16 7.37 1.96 2.86
CA GLY A 16 6.77 1.55 4.12
C GLY A 16 5.37 0.97 3.89
N CYS A 17 4.39 1.86 3.89
CA CYS A 17 3.00 1.44 3.69
C CYS A 17 2.12 2.69 3.70
N VAL A 18 1.62 3.03 2.53
CA VAL A 18 0.76 4.20 2.39
C VAL A 18 -0.68 3.80 2.72
N CYS A 19 -0.84 2.55 3.14
CA CYS A 19 -2.14 2.01 3.50
C CYS A 19 -2.45 2.38 4.94
N LYS A 20 -1.46 2.87 5.66
CA LYS A 20 -1.65 3.25 7.06
C LYS A 20 -2.75 4.31 7.14
N GLY A 21 -2.68 5.27 6.22
CA GLY A 21 -3.66 6.34 6.19
C GLY A 21 -5.08 5.78 6.02
N LYS A 22 -5.42 5.49 4.78
CA LYS A 22 -6.74 4.96 4.46
C LYS A 22 -6.60 3.51 3.99
N THR A 23 -7.72 2.92 3.63
CA THR A 23 -7.75 1.55 3.16
C THR A 23 -6.66 1.34 2.10
N CYS A 24 -7.08 1.38 0.85
CA CYS A 24 -6.15 1.20 -0.25
C CYS A 24 -6.93 1.31 -1.57
N ASP A 25 -7.12 2.54 -2.00
CA ASP A 25 -7.85 2.81 -3.23
C ASP A 25 -6.99 3.68 -4.15
N THR A 26 -7.64 4.21 -5.18
CA THR A 26 -6.95 5.06 -6.14
C THR A 26 -6.30 6.24 -5.42
N SER A 27 -6.70 6.45 -4.18
CA SER A 27 -6.16 7.54 -3.38
C SER A 27 -5.17 6.99 -2.35
N CYS A 28 -4.70 5.79 -2.62
CA CYS A 28 -3.74 5.14 -1.74
C CYS A 28 -2.57 4.63 -2.58
N CYS A 29 -2.77 3.44 -3.15
CA CYS A 29 -1.76 2.81 -3.98
C CYS A 29 -2.31 2.59 -5.37
N GLN A 30 -3.63 2.52 -5.49
CA GLN A 30 -4.26 2.31 -6.78
C GLN A 30 -4.23 3.60 -7.59
CD CD B . 1.72 -1.72 2.51
CD CD C . 0.54 -0.50 -1.44
CD CD D . -1.83 -2.30 1.02
CD CD E . -2.58 1.40 0.05
N SER A 1 5.82 -9.64 3.66
CA SER A 1 4.48 -9.09 3.46
C SER A 1 4.48 -7.60 3.80
N CYS A 2 3.28 -7.03 3.78
CA CYS A 2 3.12 -5.61 4.07
C CYS A 2 1.64 -5.34 4.35
N CYS A 3 0.80 -5.90 3.48
CA CYS A 3 -0.64 -5.75 3.60
C CYS A 3 -1.33 -6.64 2.59
N PRO A 4 -2.46 -7.28 3.02
CA PRO A 4 -3.20 -8.16 2.12
C PRO A 4 -4.00 -7.36 1.10
N CYS A 5 -3.64 -6.08 0.98
CA CYS A 5 -4.32 -5.20 0.03
C CYS A 5 -3.28 -4.69 -0.96
N CYS A 6 -2.13 -5.35 -0.97
CA CYS A 6 -1.05 -4.97 -1.87
C CYS A 6 -0.12 -6.18 -2.03
N PRO A 7 0.61 -6.17 -3.18
CA PRO A 7 1.54 -7.26 -3.48
C PRO A 7 2.81 -7.14 -2.62
N SER A 8 3.69 -8.12 -2.78
CA SER A 8 4.92 -8.14 -2.03
C SER A 8 5.93 -7.17 -2.66
N GLY A 9 5.49 -5.93 -2.80
CA GLY A 9 6.33 -4.89 -3.39
C GLY A 9 5.66 -3.51 -3.27
N CYS A 10 4.89 -3.19 -4.30
CA CYS A 10 4.20 -1.91 -4.33
C CYS A 10 5.19 -0.81 -3.92
N THR A 11 5.75 -0.16 -4.95
CA THR A 11 6.70 0.90 -4.72
C THR A 11 6.16 1.90 -3.69
N LYS A 12 4.84 1.92 -3.58
CA LYS A 12 4.19 2.82 -2.65
C LYS A 12 4.43 2.34 -1.22
N CYS A 13 4.30 1.02 -1.04
CA CYS A 13 4.50 0.40 0.25
C CYS A 13 5.97 0.09 0.45
N ALA A 14 6.77 0.30 -0.59
CA ALA A 14 8.19 0.03 -0.51
C ALA A 14 8.86 1.10 0.36
N SER A 15 8.46 2.34 0.13
CA SER A 15 9.01 3.45 0.88
C SER A 15 8.24 3.63 2.20
N GLY A 16 7.27 2.75 2.40
CA GLY A 16 6.46 2.80 3.60
C GLY A 16 4.99 2.52 3.28
N CYS A 17 4.43 1.54 3.97
CA CYS A 17 3.03 1.17 3.77
C CYS A 17 2.19 2.45 3.79
N VAL A 18 1.71 2.83 2.62
CA VAL A 18 0.89 4.02 2.50
C VAL A 18 -0.56 3.68 2.83
N CYS A 19 -0.77 2.41 3.20
CA CYS A 19 -2.09 1.93 3.55
C CYS A 19 -2.39 2.27 5.00
N LYS A 20 -1.38 2.71 5.73
CA LYS A 20 -1.56 3.07 7.13
C LYS A 20 -2.59 4.19 7.24
N GLY A 21 -2.65 4.99 6.19
CA GLY A 21 -3.59 6.10 6.16
C GLY A 21 -5.03 5.60 5.99
N LYS A 22 -5.40 5.37 4.75
CA LYS A 22 -6.73 4.89 4.44
C LYS A 22 -6.65 3.46 3.93
N THR A 23 -7.81 2.92 3.56
CA THR A 23 -7.88 1.56 3.06
C THR A 23 -6.80 1.32 2.00
N CYS A 24 -7.21 1.43 0.75
CA CYS A 24 -6.30 1.23 -0.36
C CYS A 24 -7.07 1.42 -1.67
N ASP A 25 -7.20 2.68 -2.06
CA ASP A 25 -7.91 3.01 -3.28
C ASP A 25 -7.00 3.84 -4.19
N THR A 26 -7.61 4.46 -5.19
CA THR A 26 -6.86 5.28 -6.14
C THR A 26 -6.15 6.42 -5.40
N SER A 27 -6.54 6.60 -4.15
CA SER A 27 -5.95 7.65 -3.33
C SER A 27 -5.02 7.04 -2.29
N CYS A 28 -4.57 5.82 -2.57
CA CYS A 28 -3.68 5.12 -1.66
C CYS A 28 -2.50 4.58 -2.48
N CYS A 29 -2.76 3.45 -3.16
CA CYS A 29 -1.76 2.81 -3.98
C CYS A 29 -2.27 2.66 -5.41
N GLN A 30 -3.59 2.61 -5.55
CA GLN A 30 -4.19 2.48 -6.87
C GLN A 30 -4.15 3.81 -7.61
CD CD B . 1.59 -1.89 2.55
CD CD C . 0.49 -0.59 -1.41
CD CD D . -1.95 -2.37 1.01
CD CD E . -2.72 1.31 0.00
N SER A 1 5.70 -9.60 3.90
CA SER A 1 4.51 -9.06 3.27
C SER A 1 4.04 -7.81 4.02
N CYS A 2 4.16 -6.68 3.35
CA CYS A 2 3.75 -5.42 3.94
C CYS A 2 2.32 -5.56 4.45
N CYS A 3 1.38 -5.58 3.50
CA CYS A 3 -0.02 -5.72 3.80
C CYS A 3 -0.67 -6.67 2.81
N PRO A 4 -1.66 -7.47 3.29
CA PRO A 4 -2.35 -8.42 2.42
C PRO A 4 -3.33 -7.71 1.49
N CYS A 5 -3.16 -6.39 1.41
CA CYS A 5 -4.03 -5.59 0.57
C CYS A 5 -3.18 -5.01 -0.57
N CYS A 6 -1.96 -5.50 -0.66
CA CYS A 6 -1.04 -5.05 -1.70
C CYS A 6 -0.14 -6.22 -2.08
N PRO A 7 0.49 -6.08 -3.28
CA PRO A 7 1.39 -7.12 -3.79
C PRO A 7 2.72 -7.09 -3.04
N SER A 8 3.48 -8.16 -3.22
CA SER A 8 4.78 -8.27 -2.58
C SER A 8 5.75 -7.27 -3.20
N GLY A 9 5.40 -6.00 -3.10
CA GLY A 9 6.22 -4.93 -3.64
C GLY A 9 5.58 -3.57 -3.42
N CYS A 10 4.74 -3.19 -4.38
CA CYS A 10 4.05 -1.91 -4.31
C CYS A 10 5.08 -0.83 -3.99
N THR A 11 5.48 -0.11 -5.02
CA THR A 11 6.45 0.96 -4.86
C THR A 11 5.95 2.00 -3.86
N LYS A 12 4.64 2.00 -3.67
CA LYS A 12 4.02 2.94 -2.75
C LYS A 12 4.33 2.51 -1.31
N CYS A 13 4.14 1.22 -1.05
CA CYS A 13 4.39 0.65 0.26
C CYS A 13 5.87 0.36 0.41
N ALA A 14 6.63 0.52 -0.67
CA ALA A 14 8.05 0.26 -0.63
C ALA A 14 8.70 1.15 0.43
N SER A 15 8.12 2.33 0.60
CA SER A 15 8.62 3.28 1.57
C SER A 15 8.04 2.98 2.95
N GLY A 16 7.20 1.95 3.00
CA GLY A 16 6.57 1.55 4.23
C GLY A 16 5.19 0.96 3.98
N CYS A 17 4.18 1.81 4.06
CA CYS A 17 2.81 1.39 3.83
C CYS A 17 1.92 2.64 3.76
N VAL A 18 1.40 2.89 2.57
CA VAL A 18 0.55 4.05 2.37
C VAL A 18 -0.89 3.68 2.74
N CYS A 19 -1.06 2.43 3.19
CA CYS A 19 -2.36 1.93 3.59
C CYS A 19 -2.58 2.23 5.07
N LYS A 20 -1.53 2.65 5.75
CA LYS A 20 -1.64 2.97 7.17
C LYS A 20 -2.65 4.12 7.35
N GLY A 21 -2.69 4.99 6.35
CA GLY A 21 -3.59 6.13 6.39
C GLY A 21 -5.01 5.71 6.02
N LYS A 22 -5.30 5.78 4.72
CA LYS A 22 -6.61 5.41 4.23
C LYS A 22 -6.63 3.92 3.89
N THR A 23 -7.77 3.46 3.41
CA THR A 23 -7.93 2.07 3.03
C THR A 23 -6.90 1.68 1.97
N CYS A 24 -7.32 1.78 0.72
CA CYS A 24 -6.44 1.45 -0.39
C CYS A 24 -7.21 1.67 -1.70
N ASP A 25 -7.30 2.93 -2.10
CA ASP A 25 -8.00 3.27 -3.31
C ASP A 25 -7.03 3.96 -4.28
N THR A 26 -7.59 4.53 -5.33
CA THR A 26 -6.80 5.22 -6.33
C THR A 26 -6.00 6.35 -5.69
N SER A 27 -6.37 6.67 -4.46
CA SER A 27 -5.69 7.73 -3.73
C SER A 27 -4.81 7.12 -2.63
N CYS A 28 -4.47 5.86 -2.83
CA CYS A 28 -3.63 5.15 -1.88
C CYS A 28 -2.49 4.48 -2.65
N CYS A 29 -2.84 3.38 -3.32
CA CYS A 29 -1.88 2.62 -4.10
C CYS A 29 -2.44 2.36 -5.49
N GLN A 30 -3.76 2.39 -5.61
CA GLN A 30 -4.40 2.14 -6.89
C GLN A 30 -4.28 3.39 -7.78
CD CD B . 1.51 -1.68 2.64
CD CD C . 0.38 -0.51 -1.30
CD CD D . -1.97 -2.42 1.12
CD CD E . -2.89 1.40 -0.01
N SER A 1 5.30 -9.16 3.76
CA SER A 1 4.34 -8.21 3.23
C SER A 1 3.94 -7.19 4.30
N CYS A 2 3.42 -6.06 3.86
CA CYS A 2 3.00 -5.02 4.77
C CYS A 2 1.48 -5.08 4.91
N CYS A 3 0.80 -5.02 3.77
CA CYS A 3 -0.65 -5.08 3.72
C CYS A 3 -1.10 -6.04 2.63
N PRO A 4 -2.15 -6.85 2.92
CA PRO A 4 -2.65 -7.81 1.95
C PRO A 4 -3.45 -7.10 0.86
N CYS A 5 -3.48 -5.78 0.94
CA CYS A 5 -4.20 -4.98 -0.03
C CYS A 5 -3.23 -4.57 -1.14
N CYS A 6 -1.98 -5.00 -0.98
CA CYS A 6 -0.95 -4.68 -1.94
C CYS A 6 -0.11 -5.94 -2.19
N PRO A 7 0.61 -5.95 -3.34
CA PRO A 7 1.45 -7.08 -3.69
C PRO A 7 2.72 -7.11 -2.86
N SER A 8 3.52 -8.14 -3.07
CA SER A 8 4.76 -8.30 -2.35
C SER A 8 5.83 -7.37 -2.93
N GLY A 9 5.48 -6.08 -3.00
CA GLY A 9 6.39 -5.08 -3.53
C GLY A 9 5.80 -3.68 -3.38
N CYS A 10 5.10 -3.26 -4.43
CA CYS A 10 4.49 -1.95 -4.44
C CYS A 10 5.55 -0.91 -4.05
N THR A 11 6.06 -0.24 -5.06
CA THR A 11 7.08 0.77 -4.83
C THR A 11 6.57 1.84 -3.87
N LYS A 12 5.26 1.88 -3.72
CA LYS A 12 4.63 2.84 -2.82
C LYS A 12 4.82 2.39 -1.37
N CYS A 13 4.64 1.08 -1.17
CA CYS A 13 4.79 0.48 0.14
C CYS A 13 6.23 0.05 0.35
N ALA A 14 7.04 0.17 -0.68
CA ALA A 14 8.44 -0.22 -0.59
C ALA A 14 9.10 0.60 0.52
N SER A 15 8.58 1.79 0.74
CA SER A 15 9.11 2.67 1.76
C SER A 15 8.48 2.35 3.12
N GLY A 16 7.57 1.38 3.10
CA GLY A 16 6.90 0.96 4.31
C GLY A 16 5.46 0.54 4.02
N CYS A 17 4.58 1.53 3.96
CA CYS A 17 3.18 1.28 3.69
C CYS A 17 2.45 2.63 3.66
N VAL A 18 1.95 2.96 2.48
CA VAL A 18 1.23 4.21 2.29
C VAL A 18 -0.24 4.00 2.62
N CYS A 19 -0.56 2.76 3.01
CA CYS A 19 -1.92 2.39 3.36
C CYS A 19 -2.14 2.61 4.84
N LYS A 20 -1.08 2.96 5.56
CA LYS A 20 -1.18 3.18 7.00
C LYS A 20 -2.35 4.13 7.28
N GLY A 21 -2.70 4.89 6.25
CA GLY A 21 -3.80 5.85 6.37
C GLY A 21 -5.15 5.13 6.39
N LYS A 22 -5.81 5.14 5.25
CA LYS A 22 -7.11 4.50 5.12
C LYS A 22 -6.96 3.23 4.28
N THR A 23 -8.11 2.63 3.98
CA THR A 23 -8.13 1.42 3.17
C THR A 23 -7.03 1.47 2.10
N CYS A 24 -7.42 1.91 0.92
CA CYS A 24 -6.49 2.01 -0.18
C CYS A 24 -7.22 1.59 -1.47
N ASP A 25 -7.61 2.59 -2.24
CA ASP A 25 -8.31 2.34 -3.49
C ASP A 25 -8.39 3.62 -4.30
N THR A 26 -7.59 3.66 -5.36
CA THR A 26 -7.56 4.83 -6.22
C THR A 26 -7.09 6.06 -5.45
N SER A 27 -7.56 6.16 -4.22
CA SER A 27 -7.19 7.27 -3.36
C SER A 27 -5.90 6.95 -2.60
N CYS A 28 -5.23 5.91 -3.07
CA CYS A 28 -3.98 5.48 -2.45
C CYS A 28 -3.02 5.04 -3.55
N CYS A 29 -2.25 4.00 -3.24
CA CYS A 29 -1.29 3.44 -4.18
C CYS A 29 -1.89 3.42 -5.58
N GLN A 30 -3.21 3.35 -5.65
CA GLN A 30 -3.89 3.32 -6.94
C GLN A 30 -4.50 4.68 -7.24
CD CD B . 1.50 -1.52 2.34
CD CD C . 0.79 -0.22 -1.64
CD CD D . -1.97 -1.80 0.59
CD CD E . -2.21 2.14 -0.35
N SER A 1 4.72 -9.88 3.82
CA SER A 1 3.44 -9.34 3.42
C SER A 1 3.22 -7.97 4.08
N CYS A 2 3.58 -6.92 3.33
CA CYS A 2 3.43 -5.57 3.83
C CYS A 2 1.96 -5.35 4.21
N CYS A 3 1.08 -5.92 3.38
CA CYS A 3 -0.35 -5.82 3.59
C CYS A 3 -1.07 -6.73 2.61
N PRO A 4 -2.18 -7.37 3.08
CA PRO A 4 -2.94 -8.27 2.22
C PRO A 4 -3.79 -7.47 1.23
N CYS A 5 -3.46 -6.19 1.11
CA CYS A 5 -4.18 -5.33 0.19
C CYS A 5 -3.19 -4.79 -0.86
N CYS A 6 -2.04 -5.43 -0.90
CA CYS A 6 -0.99 -5.03 -1.84
C CYS A 6 -0.06 -6.23 -2.05
N PRO A 7 0.65 -6.20 -3.21
CA PRO A 7 1.57 -7.27 -3.55
C PRO A 7 2.85 -7.15 -2.73
N SER A 8 3.69 -8.18 -2.85
CA SER A 8 4.95 -8.21 -2.13
C SER A 8 5.94 -7.23 -2.76
N GLY A 9 5.52 -5.98 -2.86
CA GLY A 9 6.36 -4.95 -3.45
C GLY A 9 5.71 -3.57 -3.30
N CYS A 10 4.91 -3.22 -4.29
CA CYS A 10 4.22 -1.94 -4.29
C CYS A 10 5.23 -0.86 -3.88
N THR A 11 5.79 -0.21 -4.89
CA THR A 11 6.77 0.83 -4.66
C THR A 11 6.22 1.86 -3.68
N LYS A 12 4.89 1.91 -3.59
CA LYS A 12 4.23 2.84 -2.70
C LYS A 12 4.44 2.39 -1.25
N CYS A 13 4.33 1.08 -1.04
CA CYS A 13 4.51 0.49 0.27
C CYS A 13 5.99 0.23 0.51
N ALA A 14 6.80 0.41 -0.51
CA ALA A 14 8.23 0.18 -0.39
C ALA A 14 8.85 1.31 0.44
N SER A 15 8.41 2.53 0.15
CA SER A 15 8.92 3.69 0.86
C SER A 15 8.13 3.89 2.16
N GLY A 16 7.20 2.98 2.39
CA GLY A 16 6.37 3.05 3.59
C GLY A 16 4.91 2.72 3.27
N CYS A 17 4.40 1.72 3.96
CA CYS A 17 3.02 1.30 3.75
C CYS A 17 2.14 2.55 3.75
N VAL A 18 1.63 2.87 2.57
CA VAL A 18 0.77 4.03 2.43
C VAL A 18 -0.67 3.65 2.77
N CYS A 19 -0.84 2.39 3.20
CA CYS A 19 -2.13 1.87 3.58
C CYS A 19 -2.42 2.21 5.03
N LYS A 20 -1.40 2.69 5.74
CA LYS A 20 -1.58 3.05 7.14
C LYS A 20 -2.52 4.25 7.23
N GLY A 21 -2.62 4.98 6.13
CA GLY A 21 -3.48 6.14 6.08
C GLY A 21 -4.94 5.75 5.86
N LYS A 22 -5.22 5.33 4.63
CA LYS A 22 -6.57 4.92 4.28
C LYS A 22 -6.55 3.45 3.85
N THR A 23 -7.73 2.96 3.50
CA THR A 23 -7.86 1.57 3.07
C THR A 23 -6.84 1.24 1.99
N CYS A 24 -7.25 1.45 0.74
CA CYS A 24 -6.38 1.18 -0.39
C CYS A 24 -7.16 1.46 -1.67
N ASP A 25 -7.33 2.75 -1.97
CA ASP A 25 -8.06 3.16 -3.15
C ASP A 25 -7.12 3.96 -4.06
N THR A 26 -7.72 4.62 -5.04
CA THR A 26 -6.96 5.43 -5.98
C THR A 26 -6.09 6.43 -5.23
N SER A 27 -6.51 6.74 -4.01
CA SER A 27 -5.78 7.68 -3.18
C SER A 27 -4.79 6.94 -2.28
N CYS A 28 -4.65 5.64 -2.55
CA CYS A 28 -3.76 4.81 -1.77
C CYS A 28 -3.28 3.67 -2.67
N CYS A 29 -2.04 3.81 -3.16
CA CYS A 29 -1.44 2.81 -4.02
C CYS A 29 -2.16 2.78 -5.36
N GLN A 30 -3.48 2.62 -5.32
CA GLN A 30 -4.26 2.58 -6.54
C GLN A 30 -4.21 3.94 -7.25
CD CD B . 1.69 -1.82 2.59
CD CD C . 0.52 -0.65 -1.38
CD CD D . -1.84 -2.44 1.08
CD CD E . -2.70 1.29 0.08
N SER A 1 6.87 -9.06 3.15
CA SER A 1 5.56 -8.52 2.80
C SER A 1 5.30 -7.23 3.58
N CYS A 2 4.11 -6.69 3.39
CA CYS A 2 3.73 -5.47 4.06
C CYS A 2 2.30 -5.63 4.58
N CYS A 3 1.34 -5.56 3.64
CA CYS A 3 -0.06 -5.69 3.97
C CYS A 3 -0.72 -6.65 2.97
N PRO A 4 -1.69 -7.46 3.47
CA PRO A 4 -2.38 -8.41 2.62
C PRO A 4 -3.38 -7.69 1.71
N CYS A 5 -3.23 -6.38 1.63
CA CYS A 5 -4.12 -5.58 0.81
C CYS A 5 -3.31 -5.01 -0.35
N CYS A 6 -2.07 -5.48 -0.46
CA CYS A 6 -1.19 -5.03 -1.52
C CYS A 6 -0.31 -6.21 -1.94
N PRO A 7 0.23 -6.10 -3.19
CA PRO A 7 1.09 -7.14 -3.73
C PRO A 7 2.47 -7.10 -3.09
N SER A 8 3.31 -8.04 -3.50
CA SER A 8 4.66 -8.12 -2.96
C SER A 8 5.61 -7.31 -3.86
N GLY A 9 5.21 -6.08 -4.13
CA GLY A 9 6.02 -5.20 -4.95
C GLY A 9 5.33 -3.84 -5.14
N CYS A 10 4.81 -3.32 -4.04
CA CYS A 10 4.12 -2.04 -4.07
C CYS A 10 5.12 -0.95 -3.67
N THR A 11 5.78 -0.40 -4.69
CA THR A 11 6.76 0.65 -4.45
C THR A 11 6.20 1.71 -3.52
N LYS A 12 4.87 1.77 -3.48
CA LYS A 12 4.19 2.74 -2.63
C LYS A 12 4.37 2.35 -1.16
N CYS A 13 4.30 1.03 -0.92
CA CYS A 13 4.45 0.48 0.41
C CYS A 13 5.90 0.14 0.66
N ALA A 14 6.73 0.25 -0.37
CA ALA A 14 8.15 -0.06 -0.24
C ALA A 14 8.77 0.88 0.79
N SER A 15 8.23 2.09 0.85
CA SER A 15 8.72 3.09 1.78
C SER A 15 8.10 2.87 3.16
N GLY A 16 7.21 1.89 3.22
CA GLY A 16 6.54 1.56 4.48
C GLY A 16 5.16 0.99 4.23
N CYS A 17 4.18 1.88 4.15
CA CYS A 17 2.81 1.48 3.92
C CYS A 17 1.94 2.73 3.85
N VAL A 18 1.43 3.00 2.65
CA VAL A 18 0.59 4.16 2.44
C VAL A 18 -0.86 3.82 2.80
N CYS A 19 -1.04 2.57 3.25
CA CYS A 19 -2.36 2.08 3.63
C CYS A 19 -2.64 2.47 5.09
N LYS A 20 -1.62 2.96 5.78
CA LYS A 20 -1.79 3.35 7.17
C LYS A 20 -2.78 4.51 7.24
N GLY A 21 -2.89 5.22 6.13
CA GLY A 21 -3.80 6.36 6.06
C GLY A 21 -5.22 5.90 5.75
N LYS A 22 -5.53 5.84 4.45
CA LYS A 22 -6.84 5.42 4.01
C LYS A 22 -6.82 3.92 3.71
N THR A 23 -7.97 3.43 3.26
CA THR A 23 -8.09 2.02 2.93
C THR A 23 -7.04 1.62 1.89
N CYS A 24 -7.44 1.75 0.63
CA CYS A 24 -6.54 1.40 -0.47
C CYS A 24 -7.30 1.63 -1.79
N ASP A 25 -7.40 2.90 -2.16
CA ASP A 25 -8.08 3.26 -3.38
C ASP A 25 -7.11 4.01 -4.30
N THR A 26 -7.69 4.63 -5.33
CA THR A 26 -6.88 5.39 -6.29
C THR A 26 -6.03 6.42 -5.56
N SER A 27 -6.44 6.73 -4.34
CA SER A 27 -5.73 7.71 -3.54
C SER A 27 -4.78 6.99 -2.57
N CYS A 28 -4.66 5.69 -2.76
CA CYS A 28 -3.79 4.88 -1.92
C CYS A 28 -3.31 3.68 -2.73
N CYS A 29 -2.07 3.79 -3.23
CA CYS A 29 -1.46 2.75 -4.02
C CYS A 29 -2.15 2.68 -5.38
N GLN A 30 -3.47 2.52 -5.38
CA GLN A 30 -4.20 2.45 -6.62
C GLN A 30 -4.11 3.77 -7.39
CD CD B . 1.49 -1.68 2.79
CD CD C . 0.37 -0.59 -1.18
CD CD D . -2.03 -2.34 1.33
CD CD E . -2.88 1.43 0.11
N SER A 1 6.26 -9.22 3.54
CA SER A 1 4.85 -8.86 3.49
C SER A 1 4.67 -7.39 3.92
N CYS A 2 3.45 -6.92 3.79
CA CYS A 2 3.13 -5.55 4.17
C CYS A 2 1.64 -5.48 4.49
N CYS A 3 0.83 -5.53 3.43
CA CYS A 3 -0.62 -5.47 3.56
C CYS A 3 -1.26 -6.36 2.50
N PRO A 4 -2.36 -7.05 2.89
CA PRO A 4 -3.05 -7.94 1.96
C PRO A 4 -3.86 -7.14 0.94
N CYS A 5 -3.55 -5.85 0.87
CA CYS A 5 -4.25 -4.97 -0.05
C CYS A 5 -3.25 -4.49 -1.11
N CYS A 6 -2.07 -5.12 -1.10
CA CYS A 6 -1.03 -4.78 -2.04
C CYS A 6 -0.21 -6.04 -2.33
N PRO A 7 0.53 -6.00 -3.47
CA PRO A 7 1.34 -7.12 -3.88
C PRO A 7 2.61 -7.23 -3.01
N SER A 8 3.27 -8.37 -3.12
CA SER A 8 4.48 -8.60 -2.36
C SER A 8 5.61 -7.72 -2.89
N GLY A 9 5.37 -6.42 -2.84
CA GLY A 9 6.35 -5.46 -3.32
C GLY A 9 5.82 -4.03 -3.20
N CYS A 10 5.20 -3.58 -4.28
CA CYS A 10 4.64 -2.24 -4.31
C CYS A 10 5.74 -1.25 -3.93
N THR A 11 6.18 -0.49 -4.92
CA THR A 11 7.23 0.50 -4.71
C THR A 11 6.75 1.58 -3.74
N LYS A 12 5.43 1.69 -3.63
CA LYS A 12 4.83 2.68 -2.75
C LYS A 12 5.00 2.22 -1.30
N CYS A 13 4.73 0.93 -1.08
CA CYS A 13 4.84 0.34 0.24
C CYS A 13 6.29 -0.03 0.51
N ALA A 14 7.14 0.09 -0.50
CA ALA A 14 8.54 -0.25 -0.34
C ALA A 14 9.21 0.76 0.59
N SER A 15 8.90 2.03 0.35
CA SER A 15 9.46 3.09 1.17
C SER A 15 8.58 3.33 2.39
N GLY A 16 7.55 2.51 2.51
CA GLY A 16 6.63 2.61 3.62
C GLY A 16 5.19 2.41 3.17
N CYS A 17 4.45 1.66 3.97
CA CYS A 17 3.05 1.39 3.66
C CYS A 17 2.29 2.71 3.62
N VAL A 18 1.86 3.06 2.42
CA VAL A 18 1.12 4.30 2.23
C VAL A 18 -0.37 4.05 2.48
N CYS A 19 -0.68 2.81 2.85
CA CYS A 19 -2.04 2.40 3.13
C CYS A 19 -2.41 2.79 4.55
N LYS A 20 -1.41 3.20 5.34
CA LYS A 20 -1.67 3.58 6.72
C LYS A 20 -2.56 4.82 6.74
N GLY A 21 -3.69 4.69 7.43
CA GLY A 21 -4.63 5.78 7.54
C GLY A 21 -6.04 5.33 7.16
N LYS A 22 -6.21 5.02 5.87
CA LYS A 22 -7.50 4.59 5.38
C LYS A 22 -7.30 3.29 4.57
N THR A 23 -8.39 2.86 3.94
CA THR A 23 -8.35 1.66 3.13
C THR A 23 -7.16 1.68 2.18
N CYS A 24 -7.45 2.01 0.92
CA CYS A 24 -6.41 2.07 -0.08
C CYS A 24 -7.02 1.66 -1.43
N ASP A 25 -7.52 2.66 -2.14
CA ASP A 25 -8.13 2.42 -3.44
C ASP A 25 -8.16 3.72 -4.23
N THR A 26 -7.33 3.78 -5.26
CA THR A 26 -7.24 4.95 -6.10
C THR A 26 -6.75 6.15 -5.30
N SER A 27 -7.19 6.20 -4.04
CA SER A 27 -6.79 7.29 -3.15
C SER A 27 -5.50 6.92 -2.42
N CYS A 28 -4.86 5.86 -2.90
CA CYS A 28 -3.63 5.40 -2.29
C CYS A 28 -2.69 4.95 -3.41
N CYS A 29 -1.97 3.86 -3.14
CA CYS A 29 -1.03 3.30 -4.09
C CYS A 29 -1.63 3.36 -5.49
N GLN A 30 -2.96 3.35 -5.57
CA GLN A 30 -3.62 3.39 -6.86
C GLN A 30 -4.16 4.80 -7.12
CD CD B . 1.55 -1.73 2.43
CD CD C . 0.88 -0.48 -1.59
CD CD D . -1.90 -1.95 0.69
CD CD E . -2.15 1.79 -0.36
#